data_8CWL
#
_entry.id   8CWL
#
_cell.length_a   1.00
_cell.length_b   1.00
_cell.length_c   1.00
_cell.angle_alpha   90.00
_cell.angle_beta   90.00
_cell.angle_gamma   90.00
#
_symmetry.space_group_name_H-M   'P 1'
#
loop_
_entity.id
_entity.type
_entity.pdbx_description
1 polymer '15-hydroxyprostaglandin dehydrogenase [NAD(+)]'
2 non-polymer '1,4-DIHYDRONICOTINAMIDE ADENINE DINUCLEOTIDE'
3 non-polymer 2-methyl-6-[7-(piperidine-1-carbonyl)quinoxalin-2-yl]isoquinolin-1(2H)-one
#
_entity_poly.entity_id   1
_entity_poly.type   'polypeptide(L)'
_entity_poly.pdbx_seq_one_letter_code
;MVNGKVALVTGAAQGIGRAFAEALLLKGAKVALVDWNLEAGVQCKAALDEQFEPQKTLFIQCDVADQQQLRDTFRKVVDH
FGRLDILVNNAGVNNEKNWEKTLQINLVSVISGTYLGLDYMSKQNGGEGGIIINMSSLAGLMPVAQQPVYCASKHGIVGF
TRSAALAANLMNSGVRLNAICPGFVNTAILESIEKEENMGQYIEYKDHIKDMIKYYGILDPPLIANGLITLIEDDALNGA
IMKITTSKGIHFQDY
;
_entity_poly.pdbx_strand_id   A,B
#
# COMPACT_ATOMS: atom_id res chain seq x y z
N MET A 1 20.03 -16.66 -17.34
CA MET A 1 19.19 -17.54 -18.13
C MET A 1 18.32 -18.42 -17.23
N VAL A 2 17.36 -19.11 -17.83
CA VAL A 2 16.45 -19.99 -17.09
C VAL A 2 16.44 -21.38 -17.70
N ASN A 3 17.58 -21.79 -18.28
CA ASN A 3 17.64 -23.08 -18.96
C ASN A 3 17.29 -24.22 -18.01
N GLY A 4 17.78 -24.18 -16.77
CA GLY A 4 17.47 -25.22 -15.82
C GLY A 4 17.10 -24.71 -14.44
N LYS A 5 16.63 -23.48 -14.38
CA LYS A 5 16.29 -22.86 -13.11
C LYS A 5 14.90 -23.28 -12.66
N VAL A 6 14.58 -22.97 -11.41
CA VAL A 6 13.31 -23.32 -10.79
C VAL A 6 12.55 -22.03 -10.50
N ALA A 7 11.30 -21.97 -10.94
CA ALA A 7 10.47 -20.78 -10.79
C ALA A 7 9.20 -21.11 -10.05
N LEU A 8 8.90 -20.34 -9.02
CA LEU A 8 7.62 -20.40 -8.31
C LEU A 8 6.80 -19.21 -8.79
N VAL A 9 5.80 -19.48 -9.64
CA VAL A 9 4.89 -18.46 -10.13
C VAL A 9 3.57 -18.60 -9.39
N THR A 10 3.04 -17.48 -8.92
CA THR A 10 1.83 -17.48 -8.12
C THR A 10 0.62 -17.21 -9.02
N GLY A 11 -0.50 -17.84 -8.68
CA GLY A 11 -1.73 -17.64 -9.44
C GLY A 11 -1.62 -18.07 -10.88
N ALA A 12 -1.06 -19.25 -11.11
CA ALA A 12 -0.77 -19.74 -12.45
C ALA A 12 -1.88 -20.60 -13.03
N ALA A 13 -3.02 -20.71 -12.33
CA ALA A 13 -4.10 -21.55 -12.85
C ALA A 13 -4.70 -20.97 -14.13
N GLN A 14 -4.80 -19.65 -14.22
CA GLN A 14 -5.41 -19.03 -15.38
C GLN A 14 -4.88 -17.61 -15.52
N GLY A 15 -5.08 -17.04 -16.71
CA GLY A 15 -4.77 -15.65 -16.95
C GLY A 15 -3.30 -15.35 -17.16
N ILE A 16 -2.81 -14.30 -16.52
CA ILE A 16 -1.43 -13.88 -16.71
C ILE A 16 -0.47 -14.92 -16.13
N GLY A 17 -0.84 -15.53 -15.00
CA GLY A 17 0.02 -16.54 -14.41
C GLY A 17 0.24 -17.73 -15.33
N ARG A 18 -0.82 -18.15 -16.03
CA ARG A 18 -0.68 -19.25 -16.97
C ARG A 18 0.27 -18.89 -18.10
N ALA A 19 0.20 -17.64 -18.58
CA ALA A 19 1.12 -17.20 -19.62
C ALA A 19 2.56 -17.18 -19.11
N PHE A 20 2.77 -16.73 -17.86
CA PHE A 20 4.10 -16.76 -17.28
C PHE A 20 4.62 -18.19 -17.21
N ALA A 21 3.78 -19.12 -16.72
CA ALA A 21 4.21 -20.50 -16.61
C ALA A 21 4.54 -21.08 -17.97
N GLU A 22 3.72 -20.81 -18.98
CA GLU A 22 3.98 -21.33 -20.31
C GLU A 22 5.27 -20.78 -20.88
N ALA A 23 5.53 -19.49 -20.71
CA ALA A 23 6.77 -18.90 -21.21
C ALA A 23 7.98 -19.51 -20.51
N LEU A 24 7.93 -19.61 -19.18
CA LEU A 24 9.06 -20.15 -18.44
C LEU A 24 9.32 -21.60 -18.81
N LEU A 25 8.26 -22.40 -18.95
CA LEU A 25 8.43 -23.79 -19.33
C LEU A 25 8.97 -23.92 -20.75
N LEU A 26 8.55 -23.01 -21.64
CA LEU A 26 9.10 -23.00 -22.99
C LEU A 26 10.59 -22.70 -22.97
N LYS A 27 11.02 -21.78 -22.11
CA LYS A 27 12.44 -21.47 -22.03
C LYS A 27 13.22 -22.62 -21.40
N GLY A 28 12.61 -23.36 -20.48
CA GLY A 28 13.24 -24.56 -19.96
C GLY A 28 13.23 -24.73 -18.45
N ALA A 29 12.56 -23.84 -17.74
CA ALA A 29 12.60 -23.83 -16.29
C ALA A 29 11.47 -24.66 -15.70
N LYS A 30 11.80 -25.42 -14.65
CA LYS A 30 10.77 -26.09 -13.87
C LYS A 30 9.92 -25.06 -13.15
N VAL A 31 8.61 -25.31 -13.08
CA VAL A 31 7.67 -24.33 -12.59
C VAL A 31 6.77 -24.95 -11.53
N ALA A 32 6.60 -24.24 -10.42
CA ALA A 32 5.72 -24.65 -9.34
C ALA A 32 4.50 -23.72 -9.34
N LEU A 33 3.39 -24.21 -9.87
CA LEU A 33 2.13 -23.50 -9.84
C LEU A 33 1.59 -23.51 -8.43
N VAL A 34 1.15 -22.34 -7.95
CA VAL A 34 0.43 -22.25 -6.69
C VAL A 34 -0.89 -21.53 -6.95
N ASP A 35 -1.96 -22.03 -6.35
CA ASP A 35 -3.29 -21.46 -6.56
C ASP A 35 -4.19 -21.94 -5.44
N TRP A 36 -5.25 -21.17 -5.16
CA TRP A 36 -6.26 -21.59 -4.21
C TRP A 36 -7.44 -22.27 -4.89
N ASN A 37 -7.39 -22.43 -6.21
CA ASN A 37 -8.45 -23.10 -6.97
C ASN A 37 -7.95 -24.48 -7.36
N LEU A 38 -8.60 -25.52 -6.83
CA LEU A 38 -8.16 -26.89 -7.11
C LEU A 38 -8.38 -27.25 -8.57
N GLU A 39 -9.59 -27.03 -9.08
CA GLU A 39 -9.91 -27.46 -10.43
C GLU A 39 -9.22 -26.60 -11.47
N ALA A 40 -9.21 -25.29 -11.27
CA ALA A 40 -8.53 -24.40 -12.21
C ALA A 40 -7.04 -24.67 -12.29
N GLY A 41 -6.43 -25.12 -11.19
CA GLY A 41 -5.03 -25.49 -11.21
C GLY A 41 -4.81 -26.86 -11.82
N VAL A 42 -5.71 -27.79 -11.55
CA VAL A 42 -5.57 -29.14 -12.09
C VAL A 42 -5.69 -29.13 -13.61
N GLN A 43 -6.66 -28.37 -14.14
CA GLN A 43 -6.80 -28.29 -15.60
C GLN A 43 -5.58 -27.64 -16.24
N CYS A 44 -5.06 -26.57 -15.64
CA CYS A 44 -3.87 -25.93 -16.17
C CYS A 44 -2.68 -26.88 -16.14
N LYS A 45 -2.51 -27.62 -15.04
CA LYS A 45 -1.44 -28.60 -14.95
C LYS A 45 -1.58 -29.68 -16.01
N ALA A 46 -2.80 -30.15 -16.24
CA ALA A 46 -3.02 -31.18 -17.26
C ALA A 46 -2.67 -30.64 -18.64
N ALA A 47 -3.05 -29.40 -18.94
CA ALA A 47 -2.73 -28.81 -20.24
C ALA A 47 -1.22 -28.66 -20.40
N LEU A 48 -0.54 -28.18 -19.37
CA LEU A 48 0.91 -27.99 -19.45
C LEU A 48 1.63 -29.33 -19.55
N ASP A 49 1.12 -30.36 -18.87
CA ASP A 49 1.65 -31.71 -19.03
C ASP A 49 1.48 -32.18 -20.46
N GLU A 50 0.31 -31.95 -21.05
CA GLU A 50 0.10 -32.34 -22.44
C GLU A 50 0.98 -31.54 -23.39
N GLN A 51 1.44 -30.35 -22.98
CA GLN A 51 2.32 -29.56 -23.83
C GLN A 51 3.79 -29.80 -23.53
N PHE A 52 4.21 -29.53 -22.30
CA PHE A 52 5.60 -29.67 -21.90
C PHE A 52 5.83 -31.02 -21.22
N GLU A 53 7.01 -31.18 -20.62
CA GLU A 53 7.33 -32.41 -19.92
C GLU A 53 6.49 -32.56 -18.65
N PRO A 54 6.11 -33.78 -18.30
CA PRO A 54 5.32 -33.97 -17.06
C PRO A 54 6.04 -33.51 -15.81
N GLN A 55 7.36 -33.68 -15.76
CA GLN A 55 8.12 -33.48 -14.52
C GLN A 55 8.55 -32.04 -14.29
N LYS A 56 8.30 -31.15 -15.23
CA LYS A 56 8.71 -29.75 -15.08
C LYS A 56 7.62 -28.89 -14.46
N THR A 57 6.48 -29.48 -14.09
CA THR A 57 5.39 -28.74 -13.47
C THR A 57 5.04 -29.38 -12.14
N LEU A 58 4.73 -28.54 -11.16
CA LEU A 58 4.25 -29.05 -9.88
C LEU A 58 3.17 -28.12 -9.36
N PHE A 59 1.94 -28.63 -9.22
CA PHE A 59 0.85 -27.81 -8.70
C PHE A 59 0.66 -28.04 -7.21
N ILE A 60 0.58 -26.94 -6.46
CA ILE A 60 0.36 -26.98 -5.02
C ILE A 60 -0.81 -26.04 -4.71
N GLN A 61 -1.87 -26.58 -4.11
CA GLN A 61 -2.99 -25.75 -3.68
C GLN A 61 -2.63 -25.03 -2.39
N CYS A 62 -2.72 -23.69 -2.41
CA CYS A 62 -2.45 -22.91 -1.22
C CYS A 62 -3.09 -21.54 -1.36
N ASP A 63 -3.57 -21.00 -0.24
CA ASP A 63 -4.05 -19.63 -0.20
C ASP A 63 -2.90 -18.73 0.24
N VAL A 64 -2.52 -17.78 -0.62
CA VAL A 64 -1.39 -16.91 -0.31
C VAL A 64 -1.68 -16.00 0.87
N ALA A 65 -2.97 -15.78 1.19
CA ALA A 65 -3.29 -14.98 2.37
C ALA A 65 -2.83 -15.66 3.65
N ASP A 66 -3.02 -16.98 3.73
CA ASP A 66 -2.64 -17.74 4.91
C ASP A 66 -1.12 -17.81 5.02
N GLN A 67 -0.57 -17.26 6.12
CA GLN A 67 0.87 -17.28 6.30
C GLN A 67 1.41 -18.69 6.48
N GLN A 68 0.72 -19.52 7.27
CA GLN A 68 1.21 -20.86 7.53
C GLN A 68 1.24 -21.70 6.26
N GLN A 69 0.20 -21.62 5.43
CA GLN A 69 0.20 -22.34 4.16
C GLN A 69 1.26 -21.83 3.21
N LEU A 70 1.47 -20.51 3.16
CA LEU A 70 2.48 -19.94 2.26
C LEU A 70 3.89 -20.40 2.61
N ARG A 71 4.24 -20.43 3.90
CA ARG A 71 5.54 -20.94 4.30
C ARG A 71 5.62 -22.46 4.28
N ASP A 72 4.48 -23.14 4.27
CA ASP A 72 4.46 -24.59 4.10
C ASP A 72 4.29 -25.00 2.65
N THR A 73 4.21 -24.03 1.73
CA THR A 73 4.26 -24.28 0.30
C THR A 73 5.65 -24.11 -0.28
N PHE A 74 6.34 -23.04 0.12
CA PHE A 74 7.75 -22.88 -0.24
C PHE A 74 8.55 -24.09 0.22
N ARG A 75 8.20 -24.65 1.37
CA ARG A 75 8.92 -25.82 1.87
C ARG A 75 8.82 -26.98 0.89
N LYS A 76 7.60 -27.28 0.42
CA LYS A 76 7.44 -28.39 -0.51
C LYS A 76 8.07 -28.08 -1.86
N VAL A 77 7.99 -26.83 -2.30
CA VAL A 77 8.57 -26.47 -3.59
C VAL A 77 10.09 -26.66 -3.58
N VAL A 78 10.74 -26.19 -2.51
CA VAL A 78 12.19 -26.38 -2.40
C VAL A 78 12.55 -27.82 -2.05
N ASP A 79 11.63 -28.57 -1.44
CA ASP A 79 11.85 -29.97 -1.14
C ASP A 79 11.58 -30.87 -2.34
N HIS A 80 11.13 -30.30 -3.47
CA HIS A 80 10.85 -31.07 -4.66
C HIS A 80 11.88 -30.82 -5.76
N PHE A 81 12.06 -29.56 -6.16
CA PHE A 81 13.01 -29.23 -7.21
C PHE A 81 14.40 -28.90 -6.68
N GLY A 82 14.58 -28.87 -5.37
CA GLY A 82 15.88 -28.66 -4.77
C GLY A 82 16.24 -27.22 -4.48
N ARG A 83 16.00 -26.32 -5.43
CA ARG A 83 16.38 -24.92 -5.26
C ARG A 83 15.25 -24.04 -5.74
N LEU A 84 15.38 -22.74 -5.45
CA LEU A 84 14.45 -21.72 -5.92
C LEU A 84 15.26 -20.63 -6.60
N ASP A 85 14.86 -20.25 -7.81
CA ASP A 85 15.62 -19.28 -8.58
C ASP A 85 14.81 -18.08 -9.05
N ILE A 86 13.55 -18.27 -9.43
CA ILE A 86 12.69 -17.17 -9.84
C ILE A 86 11.43 -17.21 -8.99
N LEU A 87 11.01 -16.04 -8.51
CA LEU A 87 9.81 -15.91 -7.69
C LEU A 87 8.89 -14.86 -8.32
N VAL A 88 7.83 -15.31 -8.97
CA VAL A 88 6.85 -14.41 -9.55
C VAL A 88 5.67 -14.34 -8.60
N ASN A 89 5.49 -13.18 -7.96
CA ASN A 89 4.38 -12.96 -7.03
C ASN A 89 3.26 -12.29 -7.81
N ASN A 90 2.28 -13.09 -8.23
CA ASN A 90 1.17 -12.62 -9.07
C ASN A 90 -0.11 -13.25 -8.52
N ALA A 91 -0.80 -12.51 -7.66
CA ALA A 91 -2.07 -12.97 -7.12
C ALA A 91 -2.88 -11.74 -6.73
N GLY A 92 -3.82 -11.37 -7.57
CA GLY A 92 -4.64 -10.20 -7.32
C GLY A 92 -6.11 -10.50 -7.51
N VAL A 93 -6.91 -10.05 -6.55
CA VAL A 93 -8.35 -10.16 -6.61
C VAL A 93 -8.94 -8.77 -6.51
N ASN A 94 -9.85 -8.44 -7.42
CA ASN A 94 -10.55 -7.16 -7.40
C ASN A 94 -11.83 -7.37 -6.60
N ASN A 95 -11.87 -6.83 -5.38
CA ASN A 95 -13.05 -6.95 -4.53
C ASN A 95 -13.06 -5.75 -3.58
N GLU A 96 -13.86 -4.74 -3.91
CA GLU A 96 -13.93 -3.56 -3.07
C GLU A 96 -14.97 -3.67 -1.96
N LYS A 97 -15.87 -4.65 -2.02
CA LYS A 97 -16.81 -4.84 -0.93
C LYS A 97 -16.10 -5.39 0.30
N ASN A 98 -15.32 -6.45 0.12
CA ASN A 98 -14.43 -6.96 1.16
C ASN A 98 -13.00 -6.48 0.92
N TRP A 99 -12.83 -5.16 1.03
CA TRP A 99 -11.54 -4.56 0.71
C TRP A 99 -10.43 -5.01 1.65
N GLU A 100 -10.77 -5.44 2.86
CA GLU A 100 -9.76 -5.98 3.77
C GLU A 100 -9.11 -7.24 3.17
N LYS A 101 -9.94 -8.13 2.64
CA LYS A 101 -9.41 -9.34 1.99
C LYS A 101 -8.60 -8.98 0.75
N THR A 102 -9.07 -7.99 -0.02
CA THR A 102 -8.32 -7.56 -1.20
C THR A 102 -6.95 -7.04 -0.82
N LEU A 103 -6.87 -6.22 0.23
CA LEU A 103 -5.58 -5.72 0.68
C LEU A 103 -4.69 -6.85 1.19
N GLN A 104 -5.27 -7.80 1.91
CA GLN A 104 -4.47 -8.92 2.42
C GLN A 104 -3.93 -9.79 1.29
N ILE A 105 -4.73 -10.03 0.26
CA ILE A 105 -4.28 -10.86 -0.85
C ILE A 105 -3.27 -10.13 -1.74
N ASN A 106 -3.50 -8.86 -2.03
CA ASN A 106 -2.68 -8.15 -3.00
C ASN A 106 -1.35 -7.68 -2.42
N LEU A 107 -1.38 -6.96 -1.30
CA LEU A 107 -0.18 -6.31 -0.77
C LEU A 107 0.52 -7.13 0.30
N VAL A 108 -0.21 -7.57 1.33
CA VAL A 108 0.41 -8.31 2.43
C VAL A 108 1.03 -9.61 1.92
N SER A 109 0.29 -10.32 1.06
CA SER A 109 0.76 -11.61 0.57
C SER A 109 2.01 -11.45 -0.29
N VAL A 110 2.07 -10.40 -1.10
CA VAL A 110 3.24 -10.18 -1.95
C VAL A 110 4.47 -9.93 -1.10
N ILE A 111 4.33 -9.10 -0.05
CA ILE A 111 5.45 -8.81 0.82
C ILE A 111 5.90 -10.07 1.55
N SER A 112 4.95 -10.85 2.05
CA SER A 112 5.31 -12.09 2.75
C SER A 112 6.00 -13.07 1.81
N GLY A 113 5.51 -13.19 0.58
CA GLY A 113 6.17 -14.06 -0.38
C GLY A 113 7.56 -13.58 -0.76
N THR A 114 7.73 -12.27 -0.87
CA THR A 114 9.05 -11.72 -1.15
C THR A 114 10.02 -12.01 0.00
N TYR A 115 9.55 -11.88 1.24
CA TYR A 115 10.40 -12.19 2.38
C TYR A 115 10.76 -13.67 2.41
N LEU A 116 9.81 -14.55 2.10
CA LEU A 116 10.10 -15.98 2.02
C LEU A 116 11.11 -16.27 0.93
N GLY A 117 10.97 -15.60 -0.22
CA GLY A 117 11.91 -15.79 -1.31
C GLY A 117 13.31 -15.34 -0.96
N LEU A 118 13.42 -14.20 -0.26
CA LEU A 118 14.72 -13.77 0.21
C LEU A 118 15.29 -14.73 1.23
N ASP A 119 14.44 -15.32 2.07
CA ASP A 119 14.91 -16.32 3.03
C ASP A 119 15.49 -17.51 2.29
N TYR A 120 14.82 -17.98 1.24
CA TYR A 120 15.22 -19.19 0.54
C TYR A 120 16.18 -18.94 -0.62
N MET A 121 16.55 -17.68 -0.89
CA MET A 121 17.26 -17.37 -2.12
C MET A 121 18.51 -16.52 -1.91
N SER A 122 18.56 -15.75 -0.82
CA SER A 122 19.66 -14.81 -0.61
C SER A 122 20.99 -15.53 -0.59
N LYS A 123 21.96 -15.00 -1.33
CA LYS A 123 23.25 -15.65 -1.47
C LYS A 123 23.95 -15.78 -0.13
N GLN A 124 23.87 -14.74 0.70
CA GLN A 124 24.54 -14.77 1.99
C GLN A 124 23.94 -15.80 2.93
N ASN A 125 22.65 -16.12 2.77
CA ASN A 125 22.01 -17.02 3.72
C ASN A 125 22.37 -18.48 3.42
N GLY A 126 21.85 -19.02 2.32
CA GLY A 126 22.29 -20.33 1.87
C GLY A 126 22.18 -20.53 0.38
N GLY A 127 21.80 -19.49 -0.35
CA GLY A 127 21.38 -19.62 -1.72
C GLY A 127 22.45 -19.26 -2.74
N GLU A 128 21.99 -18.84 -3.91
CA GLU A 128 22.87 -18.41 -4.99
C GLU A 128 22.47 -17.06 -5.59
N GLY A 129 21.22 -16.65 -5.48
CA GLY A 129 20.69 -15.45 -6.08
C GLY A 129 19.41 -15.76 -6.81
N GLY A 130 19.02 -14.85 -7.68
CA GLY A 130 17.83 -15.05 -8.49
C GLY A 130 17.11 -13.73 -8.71
N ILE A 131 15.85 -13.85 -9.08
CA ILE A 131 15.00 -12.69 -9.35
C ILE A 131 13.65 -12.89 -8.68
N ILE A 132 13.14 -11.83 -8.07
CA ILE A 132 11.78 -11.80 -7.53
C ILE A 132 11.04 -10.68 -8.26
N ILE A 133 10.01 -11.06 -9.01
CA ILE A 133 9.21 -10.12 -9.79
C ILE A 133 7.82 -10.06 -9.17
N ASN A 134 7.43 -8.88 -8.73
CA ASN A 134 6.11 -8.66 -8.14
C ASN A 134 5.21 -8.04 -9.20
N MET A 135 4.06 -8.68 -9.45
CA MET A 135 3.14 -8.17 -10.45
C MET A 135 2.30 -7.04 -9.88
N SER A 136 2.31 -5.91 -10.56
CA SER A 136 1.52 -4.74 -10.18
C SER A 136 0.66 -4.34 -11.36
N SER A 137 0.04 -3.16 -11.28
CA SER A 137 -0.76 -2.66 -12.39
C SER A 137 -0.34 -1.22 -12.69
N LEU A 138 -0.78 -0.72 -13.84
CA LEU A 138 -0.56 0.68 -14.15
C LEU A 138 -1.24 1.58 -13.14
N ALA A 139 -2.30 1.07 -12.50
CA ALA A 139 -2.91 1.78 -11.38
C ALA A 139 -1.94 1.92 -10.21
N GLY A 140 -0.85 1.16 -10.22
CA GLY A 140 0.19 1.36 -9.23
C GLY A 140 0.86 2.71 -9.33
N LEU A 141 0.77 3.38 -10.49
CA LEU A 141 1.35 4.71 -10.61
C LEU A 141 0.35 5.71 -11.18
N MET A 142 -0.92 5.37 -11.23
CA MET A 142 -1.97 6.28 -11.65
C MET A 142 -3.17 6.11 -10.73
N PRO A 143 -3.95 7.17 -10.50
CA PRO A 143 -5.15 7.02 -9.67
C PRO A 143 -6.31 6.47 -10.48
N VAL A 144 -7.07 5.57 -9.86
CA VAL A 144 -8.27 4.99 -10.46
C VAL A 144 -9.44 5.27 -9.53
N ALA A 145 -10.50 5.87 -10.07
CA ALA A 145 -11.58 6.37 -9.23
C ALA A 145 -12.44 5.25 -8.68
N GLN A 146 -12.74 4.25 -9.50
CA GLN A 146 -13.75 3.25 -9.17
C GLN A 146 -13.21 2.09 -8.36
N GLN A 147 -11.93 2.09 -8.01
CA GLN A 147 -11.39 1.05 -7.15
C GLN A 147 -10.23 1.61 -6.32
N PRO A 148 -10.53 2.27 -5.20
CA PRO A 148 -9.46 2.91 -4.42
C PRO A 148 -8.52 1.94 -3.73
N VAL A 149 -9.06 0.90 -3.10
CA VAL A 149 -8.19 0.00 -2.33
C VAL A 149 -7.30 -0.81 -3.26
N TYR A 150 -7.76 -1.13 -4.46
CA TYR A 150 -6.90 -1.79 -5.44
C TYR A 150 -5.74 -0.87 -5.83
N CYS A 151 -6.03 0.42 -6.03
CA CYS A 151 -4.98 1.39 -6.31
C CYS A 151 -4.00 1.47 -5.15
N ALA A 152 -4.50 1.47 -3.92
CA ALA A 152 -3.62 1.52 -2.76
C ALA A 152 -2.72 0.29 -2.70
N SER A 153 -3.29 -0.88 -2.96
CA SER A 153 -2.49 -2.11 -2.94
C SER A 153 -1.40 -2.07 -4.00
N LYS A 154 -1.74 -1.60 -5.20
CA LYS A 154 -0.75 -1.56 -6.28
C LYS A 154 0.33 -0.53 -6.00
N HIS A 155 -0.05 0.62 -5.44
CA HIS A 155 0.95 1.59 -5.03
C HIS A 155 1.89 1.00 -3.99
N GLY A 156 1.33 0.25 -3.03
CA GLY A 156 2.15 -0.42 -2.05
C GLY A 156 3.11 -1.41 -2.68
N ILE A 157 2.64 -2.17 -3.68
CA ILE A 157 3.52 -3.12 -4.37
C ILE A 157 4.66 -2.37 -5.02
N VAL A 158 4.36 -1.27 -5.72
CA VAL A 158 5.41 -0.54 -6.43
C VAL A 158 6.44 0.01 -5.45
N GLY A 159 5.96 0.64 -4.37
CA GLY A 159 6.88 1.20 -3.40
C GLY A 159 7.73 0.14 -2.72
N PHE A 160 7.10 -0.97 -2.31
CA PHE A 160 7.84 -2.04 -1.67
C PHE A 160 8.89 -2.62 -2.60
N THR A 161 8.55 -2.84 -3.87
CA THR A 161 9.51 -3.38 -4.81
C THR A 161 10.69 -2.42 -5.00
N ARG A 162 10.40 -1.14 -5.19
CA ARG A 162 11.45 -0.16 -5.43
C ARG A 162 12.38 -0.06 -4.24
N SER A 163 11.82 -0.10 -3.03
CA SER A 163 12.64 0.01 -1.83
C SER A 163 13.43 -1.27 -1.57
N ALA A 164 12.79 -2.42 -1.71
CA ALA A 164 13.41 -3.70 -1.41
C ALA A 164 14.51 -4.02 -2.42
N ALA A 165 14.42 -3.47 -3.63
CA ALA A 165 15.52 -3.62 -4.57
C ALA A 165 16.80 -3.01 -4.02
N LEU A 166 16.71 -1.75 -3.57
CA LEU A 166 17.88 -1.10 -2.97
C LEU A 166 18.32 -1.83 -1.71
N ALA A 167 17.36 -2.29 -0.90
CA ALA A 167 17.71 -3.03 0.31
C ALA A 167 18.53 -4.27 -0.03
N ALA A 168 18.03 -5.10 -0.96
CA ALA A 168 18.72 -6.33 -1.33
C ALA A 168 20.07 -6.04 -1.96
N ASN A 169 20.18 -4.93 -2.71
CA ASN A 169 21.48 -4.51 -3.20
C ASN A 169 22.41 -4.20 -2.03
N LEU A 170 21.88 -3.61 -0.96
CA LEU A 170 22.69 -3.24 0.20
C LEU A 170 23.13 -4.42 1.03
N MET A 171 22.30 -5.46 1.17
CA MET A 171 22.64 -6.61 2.00
C MET A 171 23.50 -7.64 1.29
N ASN A 172 23.85 -7.42 0.02
CA ASN A 172 24.65 -8.36 -0.76
C ASN A 172 23.96 -9.72 -0.89
N SER A 173 22.63 -9.72 -0.92
CA SER A 173 21.89 -10.97 -1.06
C SER A 173 21.95 -11.53 -2.47
N GLY A 174 22.26 -10.70 -3.47
CA GLY A 174 22.31 -11.16 -4.83
C GLY A 174 20.98 -11.33 -5.51
N VAL A 175 19.89 -11.00 -4.83
CA VAL A 175 18.54 -11.16 -5.37
C VAL A 175 18.12 -9.84 -6.01
N ARG A 176 17.65 -9.93 -7.25
CA ARG A 176 17.17 -8.76 -7.99
C ARG A 176 15.66 -8.69 -7.90
N LEU A 177 15.14 -7.50 -7.61
CA LEU A 177 13.70 -7.28 -7.48
C LEU A 177 13.25 -6.29 -8.53
N ASN A 178 12.22 -6.65 -9.28
CA ASN A 178 11.63 -5.79 -10.30
C ASN A 178 10.13 -5.93 -10.24
N ALA A 179 9.43 -4.97 -10.85
CA ALA A 179 7.97 -4.95 -10.83
C ALA A 179 7.45 -4.75 -12.24
N ILE A 180 6.27 -5.31 -12.49
CA ILE A 180 5.60 -5.22 -13.78
C ILE A 180 4.28 -4.47 -13.60
N CYS A 181 4.03 -3.51 -14.49
CA CYS A 181 2.83 -2.68 -14.42
C CYS A 181 2.13 -2.71 -15.78
N PRO A 182 1.39 -3.77 -16.07
CA PRO A 182 0.66 -3.83 -17.33
C PRO A 182 -0.53 -2.88 -17.34
N GLY A 183 -1.02 -2.60 -18.54
CA GLY A 183 -2.24 -1.85 -18.70
C GLY A 183 -3.45 -2.74 -18.51
N PHE A 184 -4.40 -2.70 -19.43
CA PHE A 184 -5.53 -3.61 -19.42
C PHE A 184 -5.18 -4.87 -20.20
N VAL A 185 -5.25 -6.01 -19.52
CA VAL A 185 -4.89 -7.30 -20.10
C VAL A 185 -6.13 -8.17 -20.17
N ASN A 186 -6.38 -8.75 -21.34
CA ASN A 186 -7.59 -9.54 -21.55
C ASN A 186 -7.53 -10.84 -20.76
N THR A 187 -8.14 -10.84 -19.57
CA THR A 187 -8.19 -12.01 -18.70
C THR A 187 -9.59 -12.12 -18.12
N ALA A 188 -9.73 -12.94 -17.09
CA ALA A 188 -11.01 -13.14 -16.42
C ALA A 188 -11.24 -12.17 -15.29
N ILE A 189 -10.31 -11.22 -15.06
CA ILE A 189 -10.50 -10.22 -14.01
C ILE A 189 -11.26 -9.00 -14.50
N LEU A 190 -11.38 -8.81 -15.81
CA LEU A 190 -12.13 -7.68 -16.33
C LEU A 190 -13.64 -7.88 -16.25
N GLU A 191 -14.10 -9.12 -16.13
CA GLU A 191 -15.52 -9.37 -15.95
C GLU A 191 -15.98 -9.12 -14.53
N SER A 192 -15.06 -8.92 -13.59
CA SER A 192 -15.39 -8.66 -12.20
C SER A 192 -15.74 -7.21 -11.93
N ILE A 193 -15.49 -6.29 -12.87
CA ILE A 193 -15.84 -4.90 -12.71
C ILE A 193 -17.31 -4.65 -13.04
N GLU A 194 -18.04 -5.67 -13.47
CA GLU A 194 -19.45 -5.56 -13.79
C GLU A 194 -20.27 -6.39 -12.83
N LYS A 195 -19.89 -6.38 -11.55
CA LYS A 195 -20.56 -7.18 -10.53
C LYS A 195 -20.66 -6.34 -9.27
N GLU A 196 -21.87 -6.09 -8.80
CA GLU A 196 -22.07 -5.31 -7.59
C GLU A 196 -21.70 -6.08 -6.33
N GLU A 197 -21.69 -7.41 -6.38
CA GLU A 197 -21.20 -8.23 -5.28
C GLU A 197 -19.68 -8.31 -5.26
N ASN A 198 -19.03 -7.76 -6.29
CA ASN A 198 -17.58 -7.73 -6.37
C ASN A 198 -17.01 -6.32 -6.33
N MET A 199 -17.72 -5.31 -6.81
CA MET A 199 -17.28 -3.93 -6.73
C MET A 199 -17.96 -3.14 -5.62
N GLY A 200 -19.12 -3.60 -5.15
CA GLY A 200 -19.78 -2.98 -4.02
C GLY A 200 -20.40 -1.63 -4.31
N GLN A 201 -19.87 -0.58 -3.68
CA GLN A 201 -20.45 0.76 -3.77
C GLN A 201 -20.03 1.53 -5.02
N TYR A 202 -19.07 1.01 -5.79
CA TYR A 202 -18.59 1.68 -6.99
C TYR A 202 -19.15 1.07 -8.26
N ILE A 203 -20.27 0.34 -8.15
CA ILE A 203 -20.87 -0.33 -9.30
C ILE A 203 -21.68 0.62 -10.17
N GLU A 204 -21.96 1.83 -9.69
CA GLU A 204 -22.68 2.82 -10.48
C GLU A 204 -21.77 3.59 -11.43
N TYR A 205 -20.46 3.38 -11.37
CA TYR A 205 -19.52 4.13 -12.19
C TYR A 205 -18.58 3.20 -12.96
N LYS A 206 -18.97 1.94 -13.16
CA LYS A 206 -18.16 1.03 -13.96
C LYS A 206 -18.09 1.46 -15.42
N ASP A 207 -19.03 2.28 -15.87
CA ASP A 207 -18.99 2.77 -17.25
C ASP A 207 -17.78 3.65 -17.48
N HIS A 208 -17.33 4.38 -16.46
CA HIS A 208 -16.18 5.25 -16.63
C HIS A 208 -14.90 4.47 -16.92
N ILE A 209 -14.71 3.33 -16.24
CA ILE A 209 -13.52 2.53 -16.52
C ILE A 209 -13.73 1.68 -17.77
N LYS A 210 -14.96 1.28 -18.06
CA LYS A 210 -15.23 0.58 -19.32
C LYS A 210 -14.90 1.47 -20.52
N ASP A 211 -15.20 2.75 -20.42
CA ASP A 211 -14.84 3.69 -21.47
C ASP A 211 -13.33 3.74 -21.68
N MET A 212 -12.58 3.74 -20.59
CA MET A 212 -11.12 3.75 -20.66
C MET A 212 -10.57 2.47 -21.29
N ILE A 213 -11.15 1.31 -20.93
CA ILE A 213 -10.70 0.04 -21.49
C ILE A 213 -10.91 0.01 -22.99
N LYS A 214 -12.09 0.43 -23.44
CA LYS A 214 -12.36 0.51 -24.88
C LYS A 214 -11.41 1.48 -25.57
N TYR A 215 -10.92 2.49 -24.86
CA TYR A 215 -10.14 3.53 -25.49
C TYR A 215 -8.68 3.10 -25.65
N TYR A 216 -8.09 2.52 -24.60
CA TYR A 216 -6.71 2.08 -24.64
C TYR A 216 -6.55 0.68 -25.22
N GLY A 217 -7.64 0.04 -25.60
CA GLY A 217 -7.56 -1.31 -26.12
C GLY A 217 -7.25 -2.33 -25.04
N ILE A 218 -6.95 -3.56 -25.45
CA ILE A 218 -6.71 -4.66 -24.53
C ILE A 218 -5.38 -5.30 -24.88
N LEU A 219 -4.81 -6.02 -23.93
CA LEU A 219 -3.51 -6.66 -24.10
C LEU A 219 -3.64 -8.17 -23.92
N ASP A 220 -2.83 -8.90 -24.68
CA ASP A 220 -2.71 -10.35 -24.68
C ASP A 220 -1.74 -10.79 -23.58
N PRO A 221 -2.10 -11.83 -22.83
CA PRO A 221 -1.22 -12.32 -21.76
C PRO A 221 0.15 -12.75 -22.26
N PRO A 222 0.29 -13.24 -23.52
CA PRO A 222 1.65 -13.48 -24.03
C PRO A 222 2.59 -12.28 -23.94
N LEU A 223 2.08 -11.06 -24.12
CA LEU A 223 2.93 -9.88 -24.03
C LEU A 223 3.51 -9.71 -22.63
N ILE A 224 2.71 -9.99 -21.60
CA ILE A 224 3.20 -9.89 -20.23
C ILE A 224 4.27 -10.95 -20.00
N ALA A 225 4.11 -12.14 -20.60
CA ALA A 225 5.15 -13.16 -20.51
C ALA A 225 6.43 -12.70 -21.20
N ASN A 226 6.31 -12.02 -22.34
CA ASN A 226 7.48 -11.46 -22.99
C ASN A 226 8.17 -10.44 -22.09
N GLY A 227 7.39 -9.61 -21.40
CA GLY A 227 7.98 -8.68 -20.45
C GLY A 227 8.70 -9.38 -19.32
N LEU A 228 8.10 -10.46 -18.80
CA LEU A 228 8.76 -11.23 -17.74
C LEU A 228 10.09 -11.81 -18.22
N ILE A 229 10.10 -12.37 -19.43
CA ILE A 229 11.32 -12.95 -19.97
C ILE A 229 12.38 -11.88 -20.17
N THR A 230 11.97 -10.70 -20.65
CA THR A 230 12.91 -9.60 -20.81
C THR A 230 13.49 -9.18 -19.46
N LEU A 231 12.65 -9.10 -18.43
CA LEU A 231 13.13 -8.72 -17.11
C LEU A 231 14.14 -9.74 -16.57
N ILE A 232 13.83 -11.03 -16.72
CA ILE A 232 14.70 -12.06 -16.15
C ILE A 232 16.02 -12.12 -16.90
N GLU A 233 15.97 -12.01 -18.23
CA GLU A 233 17.17 -12.20 -19.04
C GLU A 233 18.24 -11.16 -18.73
N ASP A 234 17.85 -9.93 -18.39
CA ASP A 234 18.79 -8.86 -18.16
C ASP A 234 19.25 -8.88 -16.70
N ASP A 235 20.57 -9.01 -16.50
CA ASP A 235 21.11 -9.06 -15.15
C ASP A 235 21.28 -7.66 -14.55
N ALA A 236 21.38 -6.64 -15.38
CA ALA A 236 21.55 -5.27 -14.89
C ALA A 236 20.20 -4.56 -14.86
N LEU A 237 19.29 -5.09 -14.04
CA LEU A 237 17.96 -4.53 -13.91
C LEU A 237 17.48 -4.80 -12.49
N ASN A 238 17.68 -3.82 -11.60
CA ASN A 238 17.25 -3.92 -10.21
C ASN A 238 16.37 -2.73 -9.89
N GLY A 239 15.13 -2.99 -9.48
CA GLY A 239 14.20 -1.93 -9.14
C GLY A 239 13.51 -1.28 -10.31
N ALA A 240 13.82 -1.69 -11.54
CA ALA A 240 13.17 -1.09 -12.70
C ALA A 240 11.69 -1.45 -12.73
N ILE A 241 10.86 -0.48 -13.10
CA ILE A 241 9.42 -0.66 -13.19
C ILE A 241 9.05 -0.94 -14.63
N MET A 242 8.33 -2.03 -14.85
CA MET A 242 8.02 -2.53 -16.19
C MET A 242 6.62 -2.06 -16.59
N LYS A 243 6.53 -1.22 -17.62
CA LYS A 243 5.26 -0.73 -18.10
C LYS A 243 4.97 -1.34 -19.46
N ILE A 244 3.81 -1.99 -19.58
CA ILE A 244 3.35 -2.56 -20.83
C ILE A 244 2.04 -1.89 -21.22
N THR A 245 2.03 -1.24 -22.37
CA THR A 245 0.84 -0.62 -22.94
C THR A 245 0.69 -1.11 -24.37
N THR A 246 -0.27 -0.53 -25.09
CA THR A 246 -0.52 -0.95 -26.47
C THR A 246 0.07 0.01 -27.49
N SER A 247 0.52 1.19 -27.08
CA SER A 247 1.11 2.16 -27.98
C SER A 247 2.63 2.20 -27.86
N LYS A 248 3.14 2.46 -26.65
CA LYS A 248 4.58 2.42 -26.43
C LYS A 248 5.09 0.97 -26.43
N GLY A 249 4.37 0.08 -25.77
CA GLY A 249 4.79 -1.30 -25.67
C GLY A 249 5.47 -1.58 -24.35
N ILE A 250 6.54 -2.37 -24.40
CA ILE A 250 7.36 -2.65 -23.22
C ILE A 250 8.33 -1.48 -23.05
N HIS A 251 8.25 -0.82 -21.89
CA HIS A 251 9.17 0.26 -21.57
C HIS A 251 9.28 0.35 -20.06
N PHE A 252 9.97 1.40 -19.58
CA PHE A 252 10.33 1.51 -18.18
C PHE A 252 9.90 2.85 -17.63
N GLN A 253 9.52 2.86 -16.36
CA GLN A 253 9.19 4.10 -15.65
C GLN A 253 10.49 4.79 -15.26
N ASP A 254 10.86 5.83 -16.02
CA ASP A 254 12.10 6.57 -15.77
C ASP A 254 11.86 7.51 -14.59
N TYR A 255 12.31 7.10 -13.42
CA TYR A 255 12.13 7.88 -12.20
C TYR A 255 13.21 8.94 -12.05
N MET B 1 -13.23 28.74 6.84
CA MET B 1 -13.39 28.85 8.28
C MET B 1 -13.30 27.49 8.96
N VAL B 2 -12.98 27.50 10.26
CA VAL B 2 -12.82 26.28 11.04
C VAL B 2 -13.67 26.41 12.30
N ASN B 3 -14.02 27.65 12.65
CA ASN B 3 -14.73 27.91 13.89
C ASN B 3 -16.03 27.12 13.95
N GLY B 4 -16.25 26.44 15.07
CA GLY B 4 -17.45 25.68 15.29
C GLY B 4 -17.47 24.30 14.68
N LYS B 5 -16.41 23.91 13.98
CA LYS B 5 -16.37 22.60 13.33
C LYS B 5 -15.71 21.57 14.23
N VAL B 6 -16.12 20.32 14.04
CA VAL B 6 -15.64 19.21 14.86
C VAL B 6 -14.52 18.50 14.10
N ALA B 7 -13.38 18.32 14.78
CA ALA B 7 -12.21 17.68 14.20
C ALA B 7 -11.91 16.42 14.98
N LEU B 8 -11.65 15.33 14.26
CA LEU B 8 -11.32 14.04 14.85
C LEU B 8 -9.93 13.65 14.33
N VAL B 9 -8.94 13.66 15.24
CA VAL B 9 -7.56 13.40 14.88
C VAL B 9 -7.14 12.08 15.53
N THR B 10 -6.67 11.14 14.72
CA THR B 10 -6.23 9.86 15.24
C THR B 10 -4.79 9.94 15.72
N GLY B 11 -4.53 9.35 16.89
CA GLY B 11 -3.20 9.38 17.46
C GLY B 11 -2.69 10.78 17.69
N ALA B 12 -3.34 11.52 18.59
CA ALA B 12 -3.05 12.93 18.81
C ALA B 12 -2.67 13.20 20.27
N ALA B 13 -1.82 12.35 20.84
CA ALA B 13 -1.33 12.58 22.19
C ALA B 13 0.12 13.06 22.22
N GLN B 14 0.84 12.95 21.10
CA GLN B 14 2.22 13.40 21.03
C GLN B 14 2.59 13.54 19.56
N GLY B 15 3.67 14.28 19.32
CA GLY B 15 4.19 14.37 17.96
C GLY B 15 3.35 15.29 17.08
N ILE B 16 3.20 14.88 15.82
CA ILE B 16 2.50 15.69 14.84
C ILE B 16 1.02 15.81 15.19
N GLY B 17 0.44 14.73 15.73
CA GLY B 17 -0.99 14.75 16.02
C GLY B 17 -1.38 15.82 17.00
N ARG B 18 -0.61 15.98 18.08
CA ARG B 18 -0.94 16.99 19.06
C ARG B 18 -0.68 18.39 18.53
N ALA B 19 0.28 18.54 17.60
CA ALA B 19 0.45 19.82 16.94
C ALA B 19 -0.77 20.17 16.09
N PHE B 20 -1.30 19.18 15.36
CA PHE B 20 -2.53 19.39 14.61
C PHE B 20 -3.67 19.78 15.54
N ALA B 21 -3.79 19.09 16.67
CA ALA B 21 -4.86 19.38 17.62
C ALA B 21 -4.72 20.80 18.16
N GLU B 22 -3.51 21.22 18.52
CA GLU B 22 -3.30 22.56 19.03
C GLU B 22 -3.64 23.60 17.98
N ALA B 23 -3.23 23.38 16.73
CA ALA B 23 -3.56 24.33 15.67
C ALA B 23 -5.08 24.43 15.47
N LEU B 24 -5.76 23.28 15.41
CA LEU B 24 -7.20 23.29 15.20
C LEU B 24 -7.94 23.98 16.33
N LEU B 25 -7.53 23.71 17.58
CA LEU B 25 -8.17 24.39 18.70
C LEU B 25 -7.84 25.88 18.73
N LEU B 26 -6.65 26.26 18.25
CA LEU B 26 -6.33 27.67 18.14
C LEU B 26 -7.26 28.36 17.16
N LYS B 27 -7.52 27.73 16.02
CA LYS B 27 -8.46 28.32 15.08
C LYS B 27 -9.91 28.19 15.53
N GLY B 28 -10.19 27.37 16.52
CA GLY B 28 -11.53 27.22 17.05
C GLY B 28 -12.20 25.97 16.51
N ALA B 29 -12.20 24.90 17.30
CA ALA B 29 -12.77 23.64 16.84
C ALA B 29 -12.86 22.69 18.03
N LYS B 30 -13.98 21.97 18.09
CA LYS B 30 -14.13 20.90 19.07
C LYS B 30 -13.39 19.67 18.57
N VAL B 31 -12.39 19.21 19.32
CA VAL B 31 -11.42 18.26 18.80
C VAL B 31 -11.47 16.99 19.63
N ALA B 32 -11.50 15.85 18.94
CA ALA B 32 -11.48 14.53 19.58
C ALA B 32 -10.12 13.89 19.33
N LEU B 33 -9.36 13.72 20.42
CA LEU B 33 -8.07 13.03 20.38
C LEU B 33 -8.33 11.56 20.70
N VAL B 34 -8.11 10.69 19.71
CA VAL B 34 -8.19 9.25 19.93
C VAL B 34 -6.77 8.70 19.88
N ASP B 35 -6.44 7.85 20.84
CA ASP B 35 -5.10 7.29 20.93
C ASP B 35 -5.12 6.07 21.84
N TRP B 36 -4.35 5.05 21.47
CA TRP B 36 -4.28 3.82 22.25
C TRP B 36 -3.43 3.94 23.50
N ASN B 37 -2.74 5.06 23.68
CA ASN B 37 -1.91 5.31 24.85
C ASN B 37 -2.75 6.08 25.86
N LEU B 38 -3.12 5.41 26.96
CA LEU B 38 -3.98 6.04 27.95
C LEU B 38 -3.25 7.18 28.65
N GLU B 39 -2.05 6.93 29.15
CA GLU B 39 -1.34 7.93 29.94
C GLU B 39 -0.92 9.11 29.06
N ALA B 40 -0.40 8.84 27.86
CA ALA B 40 0.00 9.91 26.97
C ALA B 40 -1.20 10.76 26.58
N GLY B 41 -2.33 10.11 26.27
CA GLY B 41 -3.52 10.85 25.92
C GLY B 41 -4.05 11.69 27.07
N VAL B 42 -4.05 11.14 28.28
CA VAL B 42 -4.51 11.90 29.43
C VAL B 42 -3.61 13.11 29.68
N GLN B 43 -2.30 12.93 29.57
CA GLN B 43 -1.37 14.04 29.76
C GLN B 43 -1.56 15.10 28.68
N CYS B 44 -1.72 14.69 27.43
CA CYS B 44 -1.94 15.64 26.35
C CYS B 44 -3.24 16.41 26.54
N LYS B 45 -4.31 15.73 26.94
CA LYS B 45 -5.57 16.40 27.17
C LYS B 45 -5.47 17.39 28.33
N ALA B 46 -4.81 16.99 29.41
CA ALA B 46 -4.64 17.89 30.55
C ALA B 46 -3.78 19.10 30.20
N ALA B 47 -2.81 18.92 29.29
CA ALA B 47 -2.01 20.05 28.85
C ALA B 47 -2.81 20.99 27.95
N LEU B 48 -3.59 20.42 27.03
CA LEU B 48 -4.39 21.24 26.14
C LEU B 48 -5.51 21.95 26.88
N ASP B 49 -5.97 21.38 27.99
CA ASP B 49 -6.99 22.02 28.81
C ASP B 49 -6.50 23.35 29.36
N GLU B 50 -5.23 23.44 29.75
CA GLU B 50 -4.75 24.61 30.48
C GLU B 50 -4.84 25.88 29.64
N GLN B 51 -4.52 25.80 28.34
CA GLN B 51 -4.58 26.99 27.51
C GLN B 51 -5.91 27.14 26.77
N PHE B 52 -6.57 26.04 26.44
CA PHE B 52 -7.82 26.05 25.70
C PHE B 52 -8.99 25.85 26.65
N GLU B 53 -10.18 25.67 26.08
CA GLU B 53 -11.34 25.45 26.91
C GLU B 53 -11.49 23.96 27.24
N PRO B 54 -11.93 23.64 28.46
CA PRO B 54 -12.03 22.22 28.83
C PRO B 54 -13.01 21.44 27.98
N GLN B 55 -14.06 22.08 27.48
CA GLN B 55 -15.15 21.39 26.81
C GLN B 55 -14.95 21.26 25.30
N LYS B 56 -13.86 21.77 24.75
CA LYS B 56 -13.60 21.68 23.32
C LYS B 56 -12.69 20.52 22.97
N THR B 57 -12.37 19.66 23.93
CA THR B 57 -11.51 18.52 23.67
C THR B 57 -12.12 17.28 24.29
N LEU B 58 -11.88 16.13 23.65
CA LEU B 58 -12.41 14.87 24.14
C LEU B 58 -11.41 13.76 23.83
N PHE B 59 -10.92 13.08 24.88
CA PHE B 59 -9.97 11.99 24.69
C PHE B 59 -10.69 10.65 24.69
N ILE B 60 -10.35 9.81 23.70
CA ILE B 60 -10.87 8.45 23.59
C ILE B 60 -9.70 7.51 23.38
N GLN B 61 -9.60 6.48 24.20
CA GLN B 61 -8.56 5.47 24.07
C GLN B 61 -9.08 4.35 23.18
N CYS B 62 -8.44 4.18 22.02
CA CYS B 62 -8.84 3.12 21.09
C CYS B 62 -7.66 2.76 20.20
N ASP B 63 -7.61 1.49 19.82
CA ASP B 63 -6.62 1.00 18.86
C ASP B 63 -7.24 1.10 17.47
N VAL B 64 -6.66 1.93 16.61
CA VAL B 64 -7.22 2.11 15.27
C VAL B 64 -7.11 0.84 14.44
N ALA B 65 -6.23 -0.09 14.81
CA ALA B 65 -6.16 -1.36 14.09
C ALA B 65 -7.45 -2.15 14.24
N ASP B 66 -8.03 -2.16 15.43
CA ASP B 66 -9.30 -2.83 15.65
C ASP B 66 -10.41 -2.10 14.90
N GLN B 67 -11.31 -2.87 14.29
CA GLN B 67 -12.40 -2.29 13.51
C GLN B 67 -13.62 -1.98 14.37
N GLN B 68 -14.02 -2.90 15.24
CA GLN B 68 -15.12 -2.64 16.15
C GLN B 68 -14.80 -1.47 17.06
N GLN B 69 -13.56 -1.40 17.55
CA GLN B 69 -13.16 -0.28 18.39
C GLN B 69 -13.22 1.03 17.62
N LEU B 70 -12.78 1.03 16.37
CA LEU B 70 -12.84 2.25 15.56
C LEU B 70 -14.27 2.69 15.31
N ARG B 71 -15.15 1.76 14.98
CA ARG B 71 -16.55 2.10 14.76
C ARG B 71 -17.19 2.66 16.03
N ASP B 72 -16.94 2.02 17.18
CA ASP B 72 -17.51 2.52 18.42
C ASP B 72 -16.90 3.86 18.81
N THR B 73 -15.63 4.09 18.51
CA THR B 73 -15.02 5.38 18.78
C THR B 73 -15.65 6.48 17.95
N PHE B 74 -15.91 6.21 16.66
CA PHE B 74 -16.63 7.17 15.84
C PHE B 74 -18.03 7.40 16.39
N ARG B 75 -18.67 6.34 16.89
CA ARG B 75 -19.98 6.50 17.51
C ARG B 75 -19.92 7.48 18.67
N LYS B 76 -18.95 7.30 19.57
CA LYS B 76 -18.81 8.20 20.72
C LYS B 76 -18.50 9.62 20.27
N VAL B 77 -17.63 9.77 19.26
CA VAL B 77 -17.26 11.11 18.80
C VAL B 77 -18.48 11.85 18.28
N VAL B 78 -19.26 11.21 17.40
CA VAL B 78 -20.42 11.88 16.83
C VAL B 78 -21.55 12.02 17.84
N ASP B 79 -21.61 11.15 18.85
CA ASP B 79 -22.63 11.27 19.87
C ASP B 79 -22.35 12.43 20.82
N HIS B 80 -21.09 12.61 21.21
CA HIS B 80 -20.75 13.64 22.19
C HIS B 80 -20.90 15.03 21.60
N PHE B 81 -20.15 15.33 20.54
CA PHE B 81 -20.18 16.67 19.97
C PHE B 81 -21.44 16.88 19.13
N GLY B 82 -21.66 16.04 18.12
CA GLY B 82 -22.88 16.12 17.36
C GLY B 82 -22.71 15.94 15.86
N ARG B 83 -21.58 16.38 15.32
CA ARG B 83 -21.32 16.23 13.89
C ARG B 83 -19.86 15.84 13.70
N LEU B 84 -19.40 15.89 12.47
CA LEU B 84 -18.00 15.62 12.13
C LEU B 84 -17.69 16.40 10.86
N ASP B 85 -16.65 17.22 10.91
CA ASP B 85 -16.29 18.06 9.78
C ASP B 85 -14.86 17.86 9.29
N ILE B 86 -13.91 17.60 10.18
CA ILE B 86 -12.53 17.35 9.80
C ILE B 86 -12.11 15.99 10.36
N LEU B 87 -11.45 15.19 9.53
CA LEU B 87 -10.94 13.90 9.96
C LEU B 87 -9.47 13.81 9.55
N VAL B 88 -8.58 13.73 10.53
CA VAL B 88 -7.15 13.61 10.29
C VAL B 88 -6.71 12.22 10.73
N ASN B 89 -6.05 11.50 9.84
CA ASN B 89 -5.62 10.13 10.09
C ASN B 89 -4.09 10.11 10.16
N ASN B 90 -3.55 10.25 11.37
CA ASN B 90 -2.10 10.16 11.57
C ASN B 90 -1.75 9.29 12.78
N ALA B 91 -1.75 7.98 12.55
CA ALA B 91 -1.36 7.01 13.58
C ALA B 91 -0.48 5.97 12.88
N GLY B 92 0.83 6.21 12.90
CA GLY B 92 1.78 5.35 12.22
C GLY B 92 2.80 4.79 13.19
N VAL B 93 3.36 3.63 12.82
CA VAL B 93 4.41 2.99 13.58
C VAL B 93 5.54 2.62 12.62
N ASN B 94 6.73 2.43 13.18
CA ASN B 94 7.92 2.09 12.41
C ASN B 94 8.47 0.74 12.84
N ASN B 95 7.58 -0.25 12.99
CA ASN B 95 7.98 -1.60 13.37
C ASN B 95 8.18 -2.41 12.10
N GLU B 96 9.42 -2.82 11.83
CA GLU B 96 9.72 -3.67 10.68
C GLU B 96 9.80 -5.14 11.04
N LYS B 97 10.11 -5.47 12.30
CA LYS B 97 10.10 -6.86 12.72
C LYS B 97 8.68 -7.42 12.65
N ASN B 98 7.71 -6.71 13.23
CA ASN B 98 6.30 -7.05 13.11
C ASN B 98 5.65 -6.21 12.02
N TRP B 99 6.10 -6.43 10.78
CA TRP B 99 5.64 -5.61 9.67
C TRP B 99 4.17 -5.81 9.35
N GLU B 100 3.59 -6.94 9.75
CA GLU B 100 2.16 -7.15 9.54
C GLU B 100 1.34 -6.14 10.32
N LYS B 101 1.69 -5.92 11.59
CA LYS B 101 1.01 -4.91 12.39
C LYS B 101 1.27 -3.51 11.85
N THR B 102 2.48 -3.25 11.35
CA THR B 102 2.77 -1.95 10.76
C THR B 102 1.88 -1.69 9.55
N LEU B 103 1.71 -2.69 8.70
CA LEU B 103 0.83 -2.53 7.54
C LEU B 103 -0.62 -2.38 7.97
N GLN B 104 -1.04 -3.13 8.99
CA GLN B 104 -2.42 -3.03 9.48
C GLN B 104 -2.72 -1.66 10.07
N ILE B 105 -1.75 -1.05 10.74
CA ILE B 105 -1.95 0.24 11.40
C ILE B 105 -1.81 1.38 10.42
N ASN B 106 -0.76 1.37 9.60
CA ASN B 106 -0.49 2.50 8.72
C ASN B 106 -1.50 2.59 7.58
N LEU B 107 -1.78 1.47 6.92
CA LEU B 107 -2.56 1.48 5.69
C LEU B 107 -4.02 1.07 5.92
N VAL B 108 -4.24 -0.11 6.49
CA VAL B 108 -5.61 -0.62 6.64
C VAL B 108 -6.43 0.33 7.51
N SER B 109 -5.84 0.81 8.60
CA SER B 109 -6.56 1.71 9.49
C SER B 109 -6.90 3.02 8.81
N VAL B 110 -6.02 3.51 7.93
CA VAL B 110 -6.29 4.76 7.22
C VAL B 110 -7.52 4.59 6.32
N ILE B 111 -7.57 3.49 5.57
CA ILE B 111 -8.72 3.28 4.68
C ILE B 111 -10.00 3.06 5.48
N SER B 112 -9.91 2.31 6.58
CA SER B 112 -11.10 2.09 7.40
C SER B 112 -11.61 3.40 7.99
N GLY B 113 -10.71 4.24 8.49
CA GLY B 113 -11.12 5.53 9.01
C GLY B 113 -11.68 6.45 7.94
N THR B 114 -11.10 6.40 6.75
CA THR B 114 -11.62 7.20 5.64
C THR B 114 -13.04 6.77 5.29
N TYR B 115 -13.29 5.46 5.22
CA TYR B 115 -14.63 4.98 4.91
C TYR B 115 -15.61 5.35 6.02
N LEU B 116 -15.19 5.26 7.28
CA LEU B 116 -16.09 5.63 8.38
C LEU B 116 -16.39 7.12 8.36
N GLY B 117 -15.38 7.94 8.04
CA GLY B 117 -15.61 9.37 7.94
C GLY B 117 -16.52 9.72 6.78
N LEU B 118 -16.41 8.99 5.66
CA LEU B 118 -17.35 9.18 4.57
C LEU B 118 -18.76 8.75 4.98
N ASP B 119 -18.86 7.69 5.79
CA ASP B 119 -20.16 7.27 6.30
C ASP B 119 -20.81 8.37 7.14
N TYR B 120 -20.03 9.00 8.00
CA TYR B 120 -20.58 10.01 8.91
C TYR B 120 -20.56 11.42 8.32
N MET B 121 -20.01 11.62 7.13
CA MET B 121 -19.82 12.97 6.59
C MET B 121 -20.47 13.19 5.23
N SER B 122 -20.51 12.16 4.37
CA SER B 122 -21.02 12.34 3.02
C SER B 122 -22.47 12.78 3.03
N LYS B 123 -22.81 13.67 2.11
CA LYS B 123 -24.18 14.18 2.03
C LYS B 123 -25.16 13.06 1.73
N GLN B 124 -24.72 12.05 0.98
CA GLN B 124 -25.61 10.93 0.63
C GLN B 124 -26.07 10.20 1.88
N ASN B 125 -25.16 9.97 2.82
CA ASN B 125 -25.48 9.31 4.08
C ASN B 125 -26.07 10.26 5.11
N GLY B 126 -26.19 11.54 4.78
CA GLY B 126 -26.65 12.54 5.73
C GLY B 126 -25.49 13.29 6.34
N GLY B 127 -25.35 14.56 5.98
CA GLY B 127 -24.24 15.36 6.47
C GLY B 127 -24.09 16.60 5.63
N GLU B 128 -23.08 17.41 6.00
CA GLU B 128 -22.80 18.65 5.30
C GLU B 128 -21.51 18.60 4.48
N GLY B 129 -20.73 17.52 4.57
CA GLY B 129 -19.47 17.45 3.88
C GLY B 129 -18.31 17.59 4.83
N GLY B 130 -17.18 18.08 4.33
CA GLY B 130 -16.03 18.30 5.18
C GLY B 130 -14.76 17.92 4.45
N ILE B 131 -13.72 17.63 5.25
CA ILE B 131 -12.41 17.25 4.73
C ILE B 131 -11.93 16.02 5.49
N ILE B 132 -11.25 15.13 4.77
CA ILE B 132 -10.56 13.99 5.36
C ILE B 132 -9.10 14.09 4.94
N ILE B 133 -8.20 14.22 5.91
CA ILE B 133 -6.79 14.42 5.65
C ILE B 133 -6.03 13.17 6.06
N ASN B 134 -5.32 12.58 5.10
CA ASN B 134 -4.51 11.39 5.35
C ASN B 134 -3.05 11.78 5.42
N MET B 135 -2.34 11.27 6.41
CA MET B 135 -0.95 11.62 6.65
C MET B 135 -0.07 10.50 6.11
N SER B 136 0.71 10.82 5.07
CA SER B 136 1.74 9.96 4.52
C SER B 136 3.08 10.62 4.75
N SER B 137 4.12 10.08 4.13
CA SER B 137 5.45 10.68 4.21
C SER B 137 6.01 10.83 2.81
N LEU B 138 7.19 11.46 2.72
CA LEU B 138 7.89 11.48 1.44
C LEU B 138 8.32 10.09 1.03
N ALA B 139 8.35 9.13 1.97
CA ALA B 139 8.52 7.73 1.60
C ALA B 139 7.39 7.24 0.70
N GLY B 140 6.23 7.89 0.74
CA GLY B 140 5.17 7.55 -0.19
C GLY B 140 5.42 8.05 -1.60
N LEU B 141 6.41 8.91 -1.80
CA LEU B 141 6.74 9.43 -3.12
C LEU B 141 8.13 9.02 -3.59
N MET B 142 8.95 8.44 -2.72
CA MET B 142 10.30 8.03 -3.07
C MET B 142 10.64 6.78 -2.27
N PRO B 143 11.54 5.94 -2.77
CA PRO B 143 11.85 4.70 -2.05
C PRO B 143 12.82 4.92 -0.90
N VAL B 144 12.63 4.13 0.15
CA VAL B 144 13.49 4.16 1.32
C VAL B 144 14.02 2.74 1.55
N ALA B 145 15.34 2.61 1.65
CA ALA B 145 15.95 1.29 1.62
C ALA B 145 15.76 0.53 2.92
N GLN B 146 15.84 1.22 4.05
CA GLN B 146 15.93 0.57 5.35
C GLN B 146 14.57 0.29 5.99
N GLN B 147 13.47 0.61 5.31
CA GLN B 147 12.13 0.29 5.83
C GLN B 147 11.19 0.07 4.65
N PRO B 148 11.15 -1.14 4.11
CA PRO B 148 10.31 -1.38 2.93
C PRO B 148 8.82 -1.34 3.21
N VAL B 149 8.36 -1.95 4.30
CA VAL B 149 6.92 -2.01 4.57
C VAL B 149 6.37 -0.63 4.87
N TYR B 150 7.16 0.22 5.54
CA TYR B 150 6.73 1.59 5.77
C TYR B 150 6.57 2.34 4.44
N CYS B 151 7.52 2.14 3.52
CA CYS B 151 7.40 2.74 2.19
C CYS B 151 6.16 2.24 1.48
N ALA B 152 5.88 0.94 1.55
CA ALA B 152 4.69 0.39 0.91
C ALA B 152 3.42 0.97 1.51
N SER B 153 3.37 1.09 2.83
CA SER B 153 2.19 1.64 3.48
C SER B 153 1.96 3.10 3.09
N LYS B 154 3.03 3.89 3.04
CA LYS B 154 2.87 5.29 2.63
C LYS B 154 2.46 5.41 1.17
N HIS B 155 3.02 4.56 0.31
CA HIS B 155 2.60 4.55 -1.09
C HIS B 155 1.13 4.19 -1.22
N GLY B 156 0.69 3.18 -0.47
CA GLY B 156 -0.72 2.84 -0.47
C GLY B 156 -1.59 3.97 0.02
N ILE B 157 -1.14 4.69 1.06
CA ILE B 157 -1.90 5.80 1.58
C ILE B 157 -2.07 6.89 0.53
N VAL B 158 -0.98 7.26 -0.15
CA VAL B 158 -1.07 8.35 -1.11
C VAL B 158 -1.92 7.93 -2.31
N GLY B 159 -1.76 6.69 -2.78
CA GLY B 159 -2.59 6.23 -3.89
C GLY B 159 -4.06 6.19 -3.53
N PHE B 160 -4.38 5.64 -2.35
CA PHE B 160 -5.76 5.58 -1.90
C PHE B 160 -6.35 6.97 -1.76
N THR B 161 -5.57 7.91 -1.22
CA THR B 161 -6.09 9.28 -1.06
C THR B 161 -6.40 9.90 -2.40
N ARG B 162 -5.45 9.86 -3.35
CA ARG B 162 -5.68 10.54 -4.61
C ARG B 162 -6.64 9.78 -5.52
N SER B 163 -7.01 8.55 -5.19
CA SER B 163 -8.08 7.90 -5.92
C SER B 163 -9.45 8.12 -5.27
N ALA B 164 -9.52 8.04 -3.94
CA ALA B 164 -10.77 8.31 -3.24
C ALA B 164 -11.21 9.75 -3.40
N ALA B 165 -10.26 10.67 -3.66
CA ALA B 165 -10.66 12.03 -3.97
C ALA B 165 -11.53 12.08 -5.23
N LEU B 166 -11.08 11.42 -6.30
CA LEU B 166 -11.86 11.35 -7.52
C LEU B 166 -13.18 10.61 -7.29
N ALA B 167 -13.13 9.53 -6.51
CA ALA B 167 -14.35 8.79 -6.22
C ALA B 167 -15.38 9.68 -5.53
N ALA B 168 -14.97 10.37 -4.47
CA ALA B 168 -15.88 11.26 -3.74
C ALA B 168 -16.35 12.41 -4.61
N ASN B 169 -15.52 12.88 -5.54
CA ASN B 169 -15.98 13.87 -6.49
C ASN B 169 -17.10 13.32 -7.35
N LEU B 170 -16.96 12.06 -7.79
CA LEU B 170 -18.01 11.45 -8.61
C LEU B 170 -19.29 11.23 -7.83
N MET B 171 -19.19 10.84 -6.56
CA MET B 171 -20.36 10.46 -5.79
C MET B 171 -21.13 11.64 -5.19
N ASN B 172 -20.66 12.88 -5.41
CA ASN B 172 -21.32 14.08 -4.89
C ASN B 172 -21.43 14.04 -3.37
N SER B 173 -20.43 13.46 -2.72
CA SER B 173 -20.42 13.38 -1.27
C SER B 173 -20.06 14.71 -0.61
N GLY B 174 -19.47 15.64 -1.36
CA GLY B 174 -19.07 16.91 -0.79
C GLY B 174 -17.86 16.84 0.12
N VAL B 175 -17.18 15.70 0.17
CA VAL B 175 -16.01 15.51 1.03
C VAL B 175 -14.76 15.59 0.16
N ARG B 176 -13.81 16.41 0.57
CA ARG B 176 -12.56 16.59 -0.14
C ARG B 176 -11.45 15.87 0.61
N LEU B 177 -10.68 15.06 -0.11
CA LEU B 177 -9.62 14.26 0.48
C LEU B 177 -8.26 14.75 -0.01
N ASN B 178 -7.36 15.02 0.92
CA ASN B 178 -6.00 15.43 0.62
C ASN B 178 -5.04 14.68 1.53
N ALA B 179 -3.79 14.58 1.07
CA ALA B 179 -2.75 13.88 1.82
C ALA B 179 -1.61 14.83 2.13
N ILE B 180 -0.98 14.63 3.28
CA ILE B 180 0.11 15.46 3.75
C ILE B 180 1.36 14.59 3.88
N CYS B 181 2.44 15.00 3.22
CA CYS B 181 3.70 14.26 3.23
C CYS B 181 4.80 15.17 3.78
N PRO B 182 5.16 15.05 5.05
CA PRO B 182 6.29 15.80 5.60
C PRO B 182 7.61 15.15 5.22
N GLY B 183 8.70 15.79 5.64
CA GLY B 183 10.01 15.22 5.48
C GLY B 183 10.40 14.47 6.73
N PHE B 184 11.36 15.01 7.49
CA PHE B 184 11.71 14.49 8.80
C PHE B 184 11.22 15.47 9.86
N VAL B 185 10.43 14.96 10.81
CA VAL B 185 9.80 15.78 11.84
C VAL B 185 10.36 15.36 13.19
N ASN B 186 10.69 16.35 14.02
CA ASN B 186 11.31 16.10 15.32
C ASN B 186 10.26 15.54 16.27
N THR B 187 10.06 14.24 16.18
CA THR B 187 9.13 13.51 17.04
C THR B 187 9.81 12.31 17.65
N ALA B 188 9.03 11.48 18.34
CA ALA B 188 9.58 10.27 18.94
C ALA B 188 9.82 9.19 17.91
N ILE B 189 9.03 9.17 16.83
CA ILE B 189 9.16 8.12 15.82
C ILE B 189 10.54 8.15 15.19
N LEU B 190 11.27 9.26 15.36
CA LEU B 190 12.61 9.36 14.80
C LEU B 190 13.64 8.58 15.59
N GLU B 191 13.42 8.31 16.87
CA GLU B 191 14.37 7.57 17.69
C GLU B 191 14.16 6.05 17.57
N SER B 192 13.07 5.64 16.90
CA SER B 192 12.79 4.23 16.68
C SER B 192 13.77 3.57 15.72
N ILE B 193 14.33 4.34 14.77
CA ILE B 193 15.29 3.76 13.82
C ILE B 193 16.53 3.27 14.54
N GLU B 194 16.84 3.84 15.71
CA GLU B 194 18.04 3.48 16.45
C GLU B 194 17.91 2.16 17.19
N LYS B 195 16.73 1.56 17.22
CA LYS B 195 16.47 0.34 17.98
C LYS B 195 16.15 -0.81 17.04
N GLU B 196 16.77 -1.96 17.31
CA GLU B 196 16.58 -3.14 16.47
C GLU B 196 15.27 -3.87 16.75
N GLU B 197 14.63 -3.60 17.89
CA GLU B 197 13.41 -4.31 18.24
C GLU B 197 12.25 -3.96 17.33
N ASN B 198 12.33 -2.82 16.63
CA ASN B 198 11.33 -2.48 15.62
C ASN B 198 11.97 -2.20 14.26
N MET B 199 13.27 -2.44 14.11
CA MET B 199 13.95 -2.36 12.82
C MET B 199 14.30 -3.73 12.26
N GLY B 200 14.79 -4.64 13.09
CA GLY B 200 15.05 -5.99 12.62
C GLY B 200 16.26 -6.05 11.71
N GLN B 201 16.09 -6.72 10.56
CA GLN B 201 17.21 -7.04 9.70
C GLN B 201 17.95 -5.80 9.21
N TYR B 202 17.28 -4.66 9.15
CA TYR B 202 17.89 -3.44 8.65
C TYR B 202 18.58 -2.61 9.72
N ILE B 203 18.67 -3.11 10.95
CA ILE B 203 19.33 -2.35 12.01
C ILE B 203 20.78 -2.07 11.67
N GLU B 204 21.41 -2.90 10.85
CA GLU B 204 22.80 -2.68 10.45
C GLU B 204 22.97 -1.53 9.47
N TYR B 205 21.88 -1.07 8.85
CA TYR B 205 21.97 -0.03 7.83
C TYR B 205 21.28 1.26 8.25
N LYS B 206 21.11 1.47 9.56
CA LYS B 206 20.42 2.66 10.05
C LYS B 206 21.23 3.93 9.84
N ASP B 207 22.51 3.82 9.45
CA ASP B 207 23.34 5.00 9.30
C ASP B 207 22.97 5.81 8.07
N HIS B 208 22.47 5.15 7.01
CA HIS B 208 22.08 5.88 5.81
C HIS B 208 20.93 6.84 6.11
N ILE B 209 19.96 6.41 6.92
CA ILE B 209 18.85 7.28 7.28
C ILE B 209 19.35 8.48 8.06
N LYS B 210 20.30 8.26 8.97
CA LYS B 210 20.87 9.37 9.73
C LYS B 210 21.60 10.34 8.82
N ASP B 211 22.35 9.81 7.84
CA ASP B 211 23.04 10.68 6.90
C ASP B 211 22.06 11.53 6.10
N MET B 212 20.97 10.91 5.65
CA MET B 212 19.93 11.64 4.93
C MET B 212 19.29 12.71 5.82
N ILE B 213 19.01 12.36 7.07
CA ILE B 213 18.40 13.31 8.01
C ILE B 213 19.31 14.53 8.18
N LYS B 214 20.60 14.28 8.38
CA LYS B 214 21.54 15.38 8.51
C LYS B 214 21.61 16.20 7.24
N TYR B 215 21.60 15.55 6.07
CA TYR B 215 21.73 16.28 4.82
C TYR B 215 20.54 17.19 4.57
N TYR B 216 19.32 16.70 4.85
CA TYR B 216 18.12 17.48 4.56
C TYR B 216 17.79 18.44 5.69
N GLY B 217 17.55 17.91 6.89
CA GLY B 217 17.20 18.70 8.05
C GLY B 217 16.02 18.11 8.78
N ILE B 218 15.60 18.83 9.82
CA ILE B 218 14.52 18.40 10.69
C ILE B 218 13.47 19.50 10.75
N LEU B 219 12.20 19.10 10.68
CA LEU B 219 11.08 20.02 10.64
C LEU B 219 10.37 20.07 11.99
N ASP B 220 10.09 21.29 12.44
CA ASP B 220 9.28 21.46 13.64
C ASP B 220 7.86 21.00 13.38
N PRO B 221 7.25 20.27 14.31
CA PRO B 221 5.85 19.83 14.13
C PRO B 221 4.89 21.00 13.93
N PRO B 222 5.08 22.15 14.62
CA PRO B 222 4.18 23.29 14.33
C PRO B 222 4.08 23.64 12.87
N LEU B 223 5.20 23.61 12.14
CA LEU B 223 5.17 23.94 10.72
C LEU B 223 4.28 22.96 9.96
N ILE B 224 4.32 21.68 10.36
CA ILE B 224 3.43 20.69 9.74
C ILE B 224 1.97 21.10 9.95
N ALA B 225 1.66 21.63 11.14
CA ALA B 225 0.31 22.10 11.39
C ALA B 225 -0.11 23.19 10.41
N ASN B 226 0.84 24.05 10.01
CA ASN B 226 0.52 25.09 9.04
C ASN B 226 0.05 24.49 7.72
N GLY B 227 0.50 23.28 7.40
CA GLY B 227 -0.03 22.59 6.24
C GLY B 227 -1.50 22.22 6.41
N LEU B 228 -1.85 21.69 7.58
CA LEU B 228 -3.22 21.24 7.81
C LEU B 228 -4.21 22.39 7.71
N ILE B 229 -3.86 23.55 8.27
CA ILE B 229 -4.70 24.74 8.16
C ILE B 229 -4.75 25.29 6.74
N THR B 230 -3.79 24.93 5.90
CA THR B 230 -3.78 25.42 4.53
C THR B 230 -4.69 24.64 3.60
N LEU B 231 -4.76 23.31 3.75
CA LEU B 231 -5.68 22.53 2.95
C LEU B 231 -7.13 22.76 3.37
N ILE B 232 -7.37 22.88 4.67
CA ILE B 232 -8.74 23.05 5.15
C ILE B 232 -9.30 24.40 4.70
N GLU B 233 -8.50 25.46 4.79
CA GLU B 233 -8.97 26.80 4.45
C GLU B 233 -9.24 26.96 2.96
N ASP B 234 -8.74 26.05 2.13
CA ASP B 234 -8.92 26.13 0.68
C ASP B 234 -9.97 25.11 0.24
N ASP B 235 -11.08 25.60 -0.29
CA ASP B 235 -12.14 24.72 -0.77
C ASP B 235 -11.80 24.07 -2.10
N ALA B 236 -11.07 24.77 -2.96
CA ALA B 236 -10.69 24.24 -4.27
C ALA B 236 -9.39 23.46 -4.23
N LEU B 237 -9.32 22.48 -3.33
CA LEU B 237 -8.12 21.66 -3.18
C LEU B 237 -8.58 20.25 -2.80
N ASN B 238 -8.74 19.40 -3.80
CA ASN B 238 -9.18 18.03 -3.61
C ASN B 238 -8.23 17.10 -4.33
N GLY B 239 -7.67 16.13 -3.60
CA GLY B 239 -6.71 15.21 -4.16
C GLY B 239 -5.30 15.73 -4.24
N ALA B 240 -5.08 17.02 -3.99
CA ALA B 240 -3.73 17.57 -4.04
C ALA B 240 -2.88 16.98 -2.92
N ILE B 241 -1.62 16.71 -3.23
CA ILE B 241 -0.69 16.09 -2.29
C ILE B 241 0.23 17.19 -1.77
N MET B 242 0.13 17.46 -0.47
CA MET B 242 0.94 18.48 0.17
C MET B 242 2.30 17.89 0.48
N LYS B 243 3.36 18.62 0.16
CA LYS B 243 4.72 18.23 0.50
C LYS B 243 5.34 19.30 1.40
N ILE B 244 5.90 18.86 2.52
CA ILE B 244 6.59 19.75 3.44
C ILE B 244 8.03 19.31 3.54
N THR B 245 8.96 20.20 3.20
CA THR B 245 10.38 19.94 3.26
C THR B 245 11.04 21.14 3.92
N THR B 246 12.37 21.20 3.86
CA THR B 246 13.11 22.28 4.49
C THR B 246 13.43 23.40 3.51
N SER B 247 14.06 23.06 2.38
CA SER B 247 14.51 24.09 1.45
C SER B 247 13.34 24.74 0.71
N LYS B 248 12.41 23.92 0.21
CA LYS B 248 11.29 24.44 -0.57
C LYS B 248 10.17 24.93 0.34
N GLY B 249 9.76 24.11 1.30
CA GLY B 249 8.71 24.51 2.22
C GLY B 249 7.42 23.77 1.98
N ILE B 250 6.31 24.49 2.06
CA ILE B 250 4.99 23.90 1.87
C ILE B 250 4.62 24.07 0.39
N HIS B 251 4.65 22.97 -0.35
CA HIS B 251 4.34 23.01 -1.77
C HIS B 251 3.52 21.79 -2.16
N PHE B 252 3.38 21.52 -3.45
CA PHE B 252 2.54 20.43 -3.93
C PHE B 252 3.28 19.56 -4.92
N GLN B 253 2.88 18.29 -4.96
CA GLN B 253 3.39 17.34 -5.96
C GLN B 253 2.59 17.53 -7.23
N ASP B 254 3.14 18.26 -8.19
CA ASP B 254 2.47 18.51 -9.47
C ASP B 254 2.50 17.21 -10.27
N TYR B 255 1.35 16.55 -10.36
CA TYR B 255 1.26 15.26 -11.02
C TYR B 255 0.96 15.41 -12.51
#